data_5O0X
#
_entry.id   5O0X
#
_cell.length_a   128.279
_cell.length_b   128.279
_cell.length_c   72.519
_cell.angle_alpha   90.00
_cell.angle_beta   90.00
_cell.angle_gamma   120.00
#
_symmetry.space_group_name_H-M   'P 3 2 1'
#
loop_
_entity.id
_entity.type
_entity.pdbx_description
1 polymer 'Putative ferric reductase'
2 non-polymer 'FLAVIN-ADENINE DINUCLEOTIDE'
3 non-polymer 'CHLORIDE ION'
4 non-polymer 'HEXAETHYLENE GLYCOL'
5 non-polymer DI(HYDROXYETHYL)ETHER
6 non-polymer GLYCEROL
7 water water
#
_entity_poly.entity_id   1
_entity_poly.type   'polypeptide(L)'
_entity_poly.pdbx_seq_one_letter_code
;GSEPTFVVNASLLPSKVLGLQVQRPQSFNYQPGDYLFIKCPGISKFEWHPFTISSAPEMPDVLTLHIRAVGSWTGKLYQL
IREQREEWIRSGSSQSLPGVPVYIDGPYGTPSTHIFESKYAILICAGIGVTPFASILKSILHRNQQNPAKMPLKKVHFYW
LNREQKAFEWFVELLSKIEAEDTNNLFDLNLYLTGAQQKSDMKSSTLFVAMDLMHQETKVDLITGLKSRTKTGRPDWEEI
FKDVAKQHAPDNVEVFFCGPTGLALQLRHLCTKYGFGYRKENFPWLELAAA
;
_entity_poly.pdbx_strand_id   A
#
loop_
_chem_comp.id
_chem_comp.type
_chem_comp.name
_chem_comp.formula
CL non-polymer 'CHLORIDE ION' 'Cl -1'
FAD non-polymer 'FLAVIN-ADENINE DINUCLEOTIDE' 'C27 H33 N9 O15 P2'
GOL non-polymer GLYCEROL 'C3 H8 O3'
P6G non-polymer 'HEXAETHYLENE GLYCOL' 'C12 H26 O7'
PEG non-polymer DI(HYDROXYETHYL)ETHER 'C4 H10 O3'
#
# COMPACT_ATOMS: atom_id res chain seq x y z
N GLY A 1 6.44 -24.84 -2.23
CA GLY A 1 5.53 -24.69 -1.05
C GLY A 1 5.75 -23.37 -0.33
N SER A 2 7.03 -22.98 -0.19
CA SER A 2 7.45 -21.76 0.49
C SER A 2 8.98 -21.59 0.55
N GLU A 3 9.40 -20.35 0.78
CA GLU A 3 10.81 -19.98 0.90
C GLU A 3 11.10 -19.61 2.35
N PRO A 4 12.10 -20.29 3.02
CA PRO A 4 12.59 -19.81 4.35
C PRO A 4 13.34 -18.49 4.20
N THR A 5 13.14 -17.56 5.13
CA THR A 5 13.82 -16.28 5.07
C THR A 5 13.73 -15.61 6.44
N PHE A 6 14.09 -14.34 6.53
CA PHE A 6 14.31 -13.67 7.85
C PHE A 6 13.89 -12.23 7.83
N VAL A 7 13.38 -11.76 8.96
CA VAL A 7 13.18 -10.34 9.19
C VAL A 7 14.54 -9.73 9.37
N VAL A 8 14.89 -8.79 8.50
CA VAL A 8 16.15 -8.07 8.55
C VAL A 8 16.00 -6.71 9.23
N ASN A 9 14.80 -6.14 9.28
CA ASN A 9 14.59 -4.87 9.98
C ASN A 9 13.09 -4.68 10.21
N ALA A 10 12.76 -3.76 11.11
CA ALA A 10 11.40 -3.45 11.42
C ALA A 10 11.28 -2.04 11.91
N SER A 11 10.05 -1.53 11.91
CA SER A 11 9.74 -0.26 12.50
C SER A 11 8.38 -0.33 13.17
N LEU A 12 8.20 0.51 14.19
CA LEU A 12 6.92 0.61 14.88
C LEU A 12 6.34 1.98 14.54
N LEU A 13 5.24 1.97 13.80
CA LEU A 13 4.70 3.15 13.20
C LEU A 13 3.38 3.44 13.89
N PRO A 14 2.88 4.65 13.74
CA PRO A 14 1.59 5.04 14.33
C PRO A 14 0.40 4.21 13.90
N SER A 15 -0.65 4.30 14.71
CA SER A 15 -1.88 3.56 14.50
C SER A 15 -1.64 2.04 14.39
N LYS A 16 -0.75 1.55 15.25
CA LYS A 16 -0.51 0.14 15.51
C LYS A 16 0.15 -0.62 14.35
N VAL A 17 1.04 0.01 13.58
CA VAL A 17 1.58 -0.67 12.42
C VAL A 17 3.01 -1.12 12.63
N LEU A 18 3.27 -2.34 12.18
CA LEU A 18 4.57 -2.94 12.15
C LEU A 18 5.09 -2.90 10.72
N GLY A 19 6.13 -2.09 10.49
CA GLY A 19 6.78 -2.02 9.21
C GLY A 19 7.85 -3.08 9.22
N LEU A 20 7.84 -3.98 8.25
CA LEU A 20 8.68 -5.17 8.30
C LEU A 20 9.49 -5.30 7.05
N GLN A 21 10.80 -5.50 7.18
CA GLN A 21 11.66 -5.79 6.03
C GLN A 21 12.07 -7.22 6.12
N VAL A 22 11.98 -7.91 5.00
CA VAL A 22 12.18 -9.33 4.92
C VAL A 22 13.17 -9.53 3.79
N GLN A 23 14.10 -10.43 4.01
CA GLN A 23 15.11 -10.71 3.02
C GLN A 23 14.45 -11.36 1.81
N ARG A 24 14.76 -10.86 0.62
CA ARG A 24 14.12 -11.30 -0.61
C ARG A 24 14.88 -12.49 -1.21
N PRO A 25 14.24 -13.67 -1.30
CA PRO A 25 14.89 -14.78 -1.97
C PRO A 25 15.28 -14.50 -3.43
N GLN A 26 16.37 -15.12 -3.91
CA GLN A 26 16.88 -14.93 -5.29
C GLN A 26 15.83 -15.30 -6.32
N SER A 27 14.99 -16.28 -6.00
CA SER A 27 13.92 -16.67 -6.91
C SER A 27 12.68 -15.74 -6.92
N PHE A 28 12.56 -14.81 -5.98
CA PHE A 28 11.27 -14.16 -5.74
C PHE A 28 11.10 -12.92 -6.62
N ASN A 29 10.44 -13.11 -7.75
CA ASN A 29 10.10 -12.00 -8.62
C ASN A 29 8.63 -11.69 -8.42
N TYR A 30 8.32 -10.43 -8.35
CA TYR A 30 6.94 -10.03 -8.18
C TYR A 30 6.68 -8.76 -8.95
N GLN A 31 5.39 -8.45 -9.03
CA GLN A 31 4.90 -7.23 -9.63
C GLN A 31 4.28 -6.32 -8.61
N PRO A 32 4.32 -5.00 -8.85
CA PRO A 32 3.74 -4.08 -7.87
C PRO A 32 2.26 -4.32 -7.75
N GLY A 33 1.80 -4.42 -6.50
CA GLY A 33 0.42 -4.75 -6.18
C GLY A 33 0.22 -6.17 -5.70
N ASP A 34 1.19 -7.03 -5.96
CA ASP A 34 1.12 -8.42 -5.48
C ASP A 34 1.13 -8.52 -3.96
N TYR A 35 0.61 -9.62 -3.47
CA TYR A 35 0.70 -9.96 -2.06
C TYR A 35 1.37 -11.30 -1.85
N LEU A 36 1.61 -11.62 -0.59
CA LEU A 36 2.13 -12.93 -0.22
C LEU A 36 1.46 -13.42 1.06
N PHE A 37 1.66 -14.70 1.41
CA PHE A 37 1.27 -15.28 2.69
C PHE A 37 2.57 -15.48 3.48
N ILE A 38 2.51 -15.18 4.77
CA ILE A 38 3.67 -15.29 5.62
C ILE A 38 3.33 -16.17 6.80
N LYS A 39 4.30 -17.00 7.18
CA LYS A 39 4.22 -17.79 8.41
C LYS A 39 5.39 -17.41 9.33
N CYS A 40 5.06 -17.10 10.58
CA CYS A 40 6.07 -16.85 11.61
C CYS A 40 5.93 -17.90 12.69
N PRO A 41 6.76 -18.98 12.64
CA PRO A 41 6.70 -20.10 13.59
C PRO A 41 6.78 -19.69 15.07
N GLY A 42 7.53 -18.63 15.38
CA GLY A 42 7.50 -18.02 16.71
C GLY A 42 6.16 -17.55 17.22
N ILE A 43 5.28 -17.08 16.33
CA ILE A 43 3.92 -16.71 16.69
C ILE A 43 2.97 -17.94 16.61
N SER A 44 3.09 -18.68 15.53
CA SER A 44 2.23 -19.84 15.27
C SER A 44 2.91 -20.69 14.23
N LYS A 45 2.97 -21.98 14.52
CA LYS A 45 3.69 -22.94 13.65
C LYS A 45 2.98 -23.18 12.35
N PHE A 46 1.67 -22.99 12.33
CA PHE A 46 0.83 -23.49 11.26
C PHE A 46 -0.01 -22.45 10.47
N GLU A 47 -0.24 -21.24 11.00
CA GLU A 47 -1.04 -20.23 10.33
C GLU A 47 -0.24 -19.45 9.32
N TRP A 48 -0.87 -19.21 8.18
CA TRP A 48 -0.36 -18.32 7.16
C TRP A 48 -1.32 -17.13 7.05
N HIS A 49 -0.74 -15.92 7.00
CA HIS A 49 -1.50 -14.68 6.85
C HIS A 49 -1.06 -13.88 5.64
N PRO A 50 -2.03 -13.36 4.87
CA PRO A 50 -1.76 -12.57 3.68
C PRO A 50 -1.47 -11.08 3.97
N PHE A 51 -0.45 -10.54 3.31
CA PHE A 51 -0.21 -9.10 3.30
C PHE A 51 0.31 -8.66 1.95
N THR A 52 -0.11 -7.47 1.54
CA THR A 52 0.38 -6.86 0.31
C THR A 52 1.85 -6.52 0.51
N ILE A 53 2.66 -6.70 -0.54
CA ILE A 53 4.06 -6.26 -0.57
C ILE A 53 4.11 -4.75 -0.83
N SER A 54 4.50 -3.98 0.18
CA SER A 54 4.47 -2.50 0.11
C SER A 54 5.68 -1.91 -0.59
N SER A 55 6.70 -2.74 -0.81
CA SER A 55 7.85 -2.34 -1.54
C SER A 55 7.59 -2.55 -3.04
N ALA A 56 8.45 -1.92 -3.83
CA ALA A 56 8.48 -2.11 -5.28
C ALA A 56 9.51 -3.17 -5.68
N PRO A 57 9.18 -3.99 -6.69
CA PRO A 57 10.08 -5.04 -7.15
C PRO A 57 11.40 -4.51 -7.69
N GLU A 58 11.45 -3.22 -8.03
CA GLU A 58 12.72 -2.61 -8.43
C GLU A 58 13.72 -2.53 -7.25
N MET A 59 13.25 -2.43 -6.00
CA MET A 59 14.12 -2.49 -4.82
C MET A 59 14.67 -3.90 -4.65
N PRO A 60 16.01 -4.07 -4.67
CA PRO A 60 16.64 -5.39 -4.93
C PRO A 60 16.72 -6.46 -3.84
N ASP A 61 16.90 -6.10 -2.58
CA ASP A 61 17.34 -7.16 -1.59
C ASP A 61 16.35 -7.56 -0.52
N VAL A 62 15.32 -6.74 -0.36
CA VAL A 62 14.35 -6.90 0.68
C VAL A 62 12.94 -6.67 0.13
N LEU A 63 11.97 -7.31 0.77
CA LEU A 63 10.54 -7.10 0.54
C LEU A 63 10.13 -6.38 1.78
N THR A 64 9.14 -5.51 1.65
CA THR A 64 8.53 -4.82 2.77
C THR A 64 7.01 -5.17 2.92
N LEU A 65 6.56 -5.23 4.16
CA LEU A 65 5.20 -5.41 4.50
C LEU A 65 4.85 -4.41 5.56
N HIS A 66 3.63 -3.88 5.51
CA HIS A 66 3.12 -3.01 6.54
C HIS A 66 1.91 -3.69 7.15
N ILE A 67 2.10 -4.19 8.37
CA ILE A 67 1.14 -5.04 9.09
C ILE A 67 0.54 -4.34 10.26
N ARG A 68 -0.77 -4.12 10.23
CA ARG A 68 -1.46 -3.47 11.31
C ARG A 68 -1.98 -4.47 12.31
N ALA A 69 -1.64 -4.24 13.58
CA ALA A 69 -2.07 -5.09 14.69
C ALA A 69 -3.52 -4.89 15.01
N VAL A 70 -4.37 -5.76 14.49
CA VAL A 70 -5.80 -5.65 14.68
C VAL A 70 -6.40 -6.86 15.40
N GLY A 71 -5.60 -7.84 15.69
CA GLY A 71 -6.13 -9.05 16.26
C GLY A 71 -5.01 -9.94 16.74
N SER A 72 -5.32 -11.22 16.77
CA SER A 72 -4.52 -12.20 17.48
C SER A 72 -3.12 -12.41 16.91
N TRP A 73 -3.02 -12.76 15.63
CA TRP A 73 -1.70 -13.10 15.09
C TRP A 73 -0.86 -11.81 14.90
N THR A 74 -1.46 -10.78 14.32
CA THR A 74 -0.77 -9.51 14.06
C THR A 74 -0.40 -8.82 15.39
N GLY A 75 -1.28 -8.85 16.37
CA GLY A 75 -0.96 -8.36 17.70
C GLY A 75 0.23 -9.06 18.34
N LYS A 76 0.29 -10.38 18.22
CA LYS A 76 1.43 -11.13 18.77
C LYS A 76 2.73 -10.83 18.06
N LEU A 77 2.67 -10.69 16.73
CA LEU A 77 3.90 -10.39 15.98
C LEU A 77 4.43 -8.98 16.36
N TYR A 78 3.54 -8.01 16.48
CA TYR A 78 3.90 -6.66 16.87
C TYR A 78 4.59 -6.70 18.26
N GLN A 79 3.92 -7.30 19.24
CA GLN A 79 4.44 -7.53 20.60
C GLN A 79 5.81 -8.24 20.58
N LEU A 80 5.95 -9.30 19.80
CA LEU A 80 7.22 -10.00 19.75
C LEU A 80 8.34 -9.06 19.29
N ILE A 81 8.05 -8.28 18.25
CA ILE A 81 9.05 -7.41 17.68
C ILE A 81 9.37 -6.27 18.66
N ARG A 82 8.35 -5.68 19.25
CA ARG A 82 8.54 -4.60 20.18
C ARG A 82 9.37 -5.07 21.37
N GLU A 83 9.01 -6.20 21.96
CA GLU A 83 9.69 -6.71 23.17
C GLU A 83 11.12 -7.08 22.93
N GLN A 84 11.42 -7.72 21.82
CA GLN A 84 12.83 -7.93 21.45
C GLN A 84 13.61 -6.60 21.39
N ARG A 85 12.98 -5.56 20.82
CA ARG A 85 13.62 -4.27 20.63
C ARG A 85 13.72 -3.49 21.92
N GLU A 86 12.67 -3.51 22.74
CA GLU A 86 12.72 -2.95 24.10
C GLU A 86 13.79 -3.58 24.99
N GLU A 87 14.01 -4.90 24.86
CA GLU A 87 15.07 -5.55 25.59
C GLU A 87 16.45 -5.12 25.07
N TRP A 88 16.55 -4.84 23.77
CA TRP A 88 17.82 -4.40 23.20
C TRP A 88 18.23 -3.00 23.72
N ILE A 89 17.30 -2.06 23.82
CA ILE A 89 17.67 -0.70 24.26
C ILE A 89 18.30 -0.73 25.67
N ARG A 90 17.81 -1.68 26.50
CA ARG A 90 18.37 -1.91 27.83
C ARG A 90 19.69 -2.68 27.75
N SER A 91 19.67 -3.87 27.19
CA SER A 91 20.84 -4.76 27.28
C SER A 91 21.97 -4.33 26.36
N GLY A 92 21.63 -3.76 25.21
CA GLY A 92 22.60 -3.45 24.16
C GLY A 92 23.17 -4.69 23.49
N SER A 93 22.62 -5.88 23.82
CA SER A 93 23.19 -7.16 23.38
C SER A 93 22.63 -7.65 22.01
N SER A 94 23.49 -8.32 21.25
CA SER A 94 23.05 -9.06 20.07
C SER A 94 22.09 -10.20 20.49
N GLN A 95 22.29 -10.77 21.69
CA GLN A 95 21.39 -11.81 22.23
C GLN A 95 19.93 -11.34 22.40
N SER A 96 19.72 -10.07 22.77
CA SER A 96 18.36 -9.49 22.91
C SER A 96 17.59 -9.26 21.58
N LEU A 97 18.28 -9.45 20.44
CA LEU A 97 17.73 -9.21 19.09
C LEU A 97 18.09 -10.39 18.13
N PRO A 98 17.56 -11.61 18.42
CA PRO A 98 17.99 -12.86 17.72
C PRO A 98 17.85 -12.90 16.17
N GLY A 99 16.91 -12.15 15.59
CA GLY A 99 16.51 -12.35 14.18
C GLY A 99 15.29 -13.28 14.12
N VAL A 100 14.38 -13.01 13.19
CA VAL A 100 13.05 -13.65 13.19
C VAL A 100 12.89 -14.51 11.92
N PRO A 101 12.98 -15.84 12.07
CA PRO A 101 12.74 -16.68 10.89
C PRO A 101 11.27 -16.61 10.47
N VAL A 102 11.03 -16.51 9.16
CA VAL A 102 9.67 -16.56 8.61
C VAL A 102 9.67 -17.43 7.37
N TYR A 103 8.48 -17.83 6.93
CA TYR A 103 8.33 -18.45 5.62
C TYR A 103 7.39 -17.62 4.79
N ILE A 104 7.70 -17.48 3.50
CA ILE A 104 6.83 -16.75 2.58
C ILE A 104 6.37 -17.60 1.42
N ASP A 105 5.13 -17.34 1.01
CA ASP A 105 4.45 -18.04 -0.07
C ASP A 105 3.89 -16.96 -0.98
N GLY A 106 4.41 -16.90 -2.19
CA GLY A 106 4.00 -15.87 -3.14
C GLY A 106 4.91 -15.82 -4.35
N PRO A 107 4.74 -14.83 -5.22
CA PRO A 107 3.73 -13.79 -5.13
C PRO A 107 2.37 -14.24 -5.65
N TYR A 108 1.32 -13.55 -5.20
CA TYR A 108 -0.04 -13.73 -5.66
C TYR A 108 -0.48 -12.39 -6.31
N GLY A 109 -1.08 -12.47 -7.48
CA GLY A 109 -1.47 -11.31 -8.24
C GLY A 109 -2.82 -10.73 -7.90
N THR A 110 -3.00 -9.49 -8.33
CA THR A 110 -4.23 -8.70 -8.23
C THR A 110 -4.43 -7.87 -9.49
N PRO A 111 -5.68 -7.47 -9.72
CA PRO A 111 -6.00 -6.72 -10.92
C PRO A 111 -5.42 -5.27 -10.95
N SER A 112 -5.05 -4.75 -9.81
CA SER A 112 -4.44 -3.41 -9.72
C SER A 112 -3.16 -3.25 -10.52
N THR A 113 -2.46 -4.35 -10.74
CA THR A 113 -1.30 -4.28 -11.53
C THR A 113 -1.57 -3.80 -12.95
N HIS A 114 -2.80 -3.98 -13.43
CA HIS A 114 -3.20 -3.48 -14.74
C HIS A 114 -3.19 -1.95 -14.85
N ILE A 115 -2.98 -1.24 -13.74
CA ILE A 115 -2.70 0.19 -13.80
C ILE A 115 -1.61 0.55 -14.80
N PHE A 116 -0.57 -0.28 -14.91
CA PHE A 116 0.55 0.00 -15.81
C PHE A 116 0.17 -0.05 -17.30
N GLU A 117 -0.93 -0.68 -17.65
CA GLU A 117 -1.42 -0.70 -19.00
C GLU A 117 -2.62 0.23 -19.21
N SER A 118 -2.98 1.03 -18.21
CA SER A 118 -4.06 2.00 -18.33
C SER A 118 -3.53 3.36 -18.78
N LYS A 119 -4.42 4.19 -19.31
CA LYS A 119 -4.09 5.55 -19.73
C LYS A 119 -4.34 6.52 -18.57
N TYR A 120 -5.54 6.42 -18.00
CA TYR A 120 -5.96 7.23 -16.86
C TYR A 120 -6.47 6.31 -15.74
N ALA A 121 -6.02 6.55 -14.52
CA ALA A 121 -6.40 5.73 -13.38
C ALA A 121 -6.80 6.55 -12.16
N ILE A 122 -7.87 6.10 -11.50
CA ILE A 122 -8.22 6.54 -10.15
C ILE A 122 -7.82 5.44 -9.15
N LEU A 123 -7.09 5.82 -8.10
CA LEU A 123 -6.70 4.90 -7.02
C LEU A 123 -7.31 5.39 -5.75
N ILE A 124 -8.20 4.57 -5.15
CA ILE A 124 -8.92 4.94 -3.92
C ILE A 124 -8.63 3.91 -2.81
N CYS A 125 -8.13 4.39 -1.67
CA CYS A 125 -7.80 3.52 -0.55
C CYS A 125 -8.19 4.09 0.80
N ALA A 126 -8.39 3.18 1.77
CA ALA A 126 -8.70 3.56 3.14
C ALA A 126 -7.77 2.84 4.09
N GLY A 127 -7.16 3.59 5.00
CA GLY A 127 -6.34 2.99 6.05
C GLY A 127 -5.20 2.23 5.43
N ILE A 128 -4.99 1.02 5.96
CA ILE A 128 -3.90 0.13 5.55
C ILE A 128 -4.15 -0.39 4.13
N GLY A 129 -5.34 -0.16 3.60
CA GLY A 129 -5.64 -0.39 2.17
C GLY A 129 -4.73 0.30 1.17
N VAL A 130 -3.99 1.31 1.66
CA VAL A 130 -2.98 1.98 0.87
C VAL A 130 -1.83 1.12 0.34
N THR A 131 -1.53 -0.01 0.97
CA THR A 131 -0.29 -0.72 0.69
C THR A 131 -0.06 -1.15 -0.76
N PRO A 132 -1.09 -1.68 -1.47
CA PRO A 132 -0.78 -2.00 -2.86
C PRO A 132 -0.42 -0.76 -3.68
N PHE A 133 -1.06 0.35 -3.36
CA PHE A 133 -0.82 1.59 -4.08
C PHE A 133 0.51 2.20 -3.68
N ALA A 134 0.99 1.95 -2.47
CA ALA A 134 2.36 2.36 -2.12
C ALA A 134 3.37 1.68 -3.05
N SER A 135 3.20 0.38 -3.27
CA SER A 135 4.08 -0.36 -4.14
C SER A 135 4.01 0.19 -5.56
N ILE A 136 2.78 0.39 -6.02
CA ILE A 136 2.53 0.85 -7.36
C ILE A 136 3.10 2.26 -7.60
N LEU A 137 2.86 3.20 -6.70
CA LEU A 137 3.40 4.54 -6.86
C LEU A 137 4.94 4.54 -6.94
N LYS A 138 5.60 3.76 -6.09
CA LYS A 138 7.05 3.64 -6.17
C LYS A 138 7.54 3.08 -7.49
N SER A 139 6.85 2.07 -7.97
CA SER A 139 7.28 1.44 -9.19
C SER A 139 7.09 2.40 -10.37
N ILE A 140 6.01 3.19 -10.35
CA ILE A 140 5.82 4.21 -11.38
C ILE A 140 7.03 5.17 -11.43
N LEU A 141 7.49 5.63 -10.28
CA LEU A 141 8.65 6.49 -10.21
C LEU A 141 9.88 5.84 -10.82
N HIS A 142 10.19 4.60 -10.42
CA HIS A 142 11.31 3.86 -11.01
C HIS A 142 11.18 3.80 -12.53
N ARG A 143 9.99 3.45 -13.02
CA ARG A 143 9.80 3.24 -14.44
C ARG A 143 9.91 4.50 -15.29
N ASN A 144 9.42 5.62 -14.79
CA ASN A 144 9.49 6.90 -15.52
C ASN A 144 10.92 7.42 -15.61
N GLN A 145 11.68 7.19 -14.55
CA GLN A 145 13.09 7.54 -14.53
C GLN A 145 13.90 6.64 -15.46
N GLN A 146 13.69 5.33 -15.41
CA GLN A 146 14.45 4.39 -16.23
C GLN A 146 14.06 4.38 -17.71
N ASN A 147 12.78 4.53 -18.03
CA ASN A 147 12.32 4.43 -19.42
C ASN A 147 10.91 5.06 -19.60
N PRO A 148 10.82 6.41 -19.62
CA PRO A 148 9.51 7.10 -19.67
C PRO A 148 8.67 6.78 -20.93
N ALA A 149 9.35 6.56 -22.06
CA ALA A 149 8.69 6.16 -23.30
C ALA A 149 7.82 4.91 -23.17
N LYS A 150 8.27 3.94 -22.39
CA LYS A 150 7.61 2.64 -22.27
C LYS A 150 6.35 2.59 -21.37
N MET A 151 5.89 3.72 -20.81
CA MET A 151 4.68 3.72 -19.97
C MET A 151 3.48 4.53 -20.49
N PRO A 152 2.36 3.86 -20.80
CA PRO A 152 1.14 4.49 -21.34
C PRO A 152 0.29 5.34 -20.40
N LEU A 153 0.62 5.33 -19.12
CA LEU A 153 -0.17 5.95 -18.07
C LEU A 153 0.08 7.44 -18.10
N LYS A 154 -0.97 8.23 -18.29
CA LYS A 154 -0.85 9.69 -18.46
C LYS A 154 -1.30 10.47 -17.24
N LYS A 155 -2.17 9.89 -16.42
CA LYS A 155 -2.64 10.58 -15.21
C LYS A 155 -3.09 9.58 -14.15
N VAL A 156 -2.66 9.82 -12.91
CA VAL A 156 -3.02 9.03 -11.75
C VAL A 156 -3.68 9.94 -10.70
N HIS A 157 -4.96 9.72 -10.45
CA HIS A 157 -5.69 10.37 -9.40
C HIS A 157 -5.72 9.43 -8.18
N PHE A 158 -5.06 9.84 -7.10
CA PHE A 158 -4.88 9.07 -5.89
C PHE A 158 -5.66 9.69 -4.74
N TYR A 159 -6.44 8.87 -4.03
CA TYR A 159 -7.22 9.29 -2.87
C TYR A 159 -6.96 8.34 -1.71
N TRP A 160 -6.53 8.87 -0.56
CA TRP A 160 -6.24 8.08 0.61
C TRP A 160 -6.99 8.69 1.78
N LEU A 161 -7.95 7.92 2.30
CA LEU A 161 -8.80 8.26 3.45
C LEU A 161 -8.27 7.59 4.74
N ASN A 162 -8.21 8.35 5.83
CA ASN A 162 -7.81 7.86 7.16
C ASN A 162 -8.69 8.49 8.23
N ARG A 163 -9.12 7.68 9.18
CA ARG A 163 -9.73 8.16 10.43
C ARG A 163 -8.75 8.91 11.34
N GLU A 164 -7.48 8.51 11.35
CA GLU A 164 -6.48 9.07 12.25
C GLU A 164 -5.39 9.75 11.45
N GLN A 165 -5.12 11.00 11.76
CA GLN A 165 -4.12 11.82 11.08
C GLN A 165 -2.77 11.19 11.07
N LYS A 166 -2.40 10.54 12.17
CA LYS A 166 -1.06 9.96 12.32
C LYS A 166 -0.79 8.82 11.29
N ALA A 167 -1.83 8.12 10.83
CA ALA A 167 -1.67 7.08 9.81
C ALA A 167 -1.00 7.55 8.51
N PHE A 168 -1.16 8.83 8.14
CA PHE A 168 -0.52 9.38 6.90
C PHE A 168 1.00 9.31 6.94
N GLU A 169 1.53 9.24 8.14
CA GLU A 169 2.98 9.11 8.30
C GLU A 169 3.58 7.82 7.74
N TRP A 170 2.77 6.76 7.59
CA TRP A 170 3.29 5.51 6.97
C TRP A 170 3.98 5.78 5.65
N PHE A 171 3.39 6.67 4.86
CA PHE A 171 3.93 6.93 3.52
C PHE A 171 4.17 8.42 3.20
N VAL A 172 4.27 9.26 4.24
CA VAL A 172 4.53 10.68 4.04
C VAL A 172 5.81 10.96 3.24
N GLU A 173 6.87 10.23 3.46
CA GLU A 173 8.07 10.41 2.64
C GLU A 173 7.89 10.09 1.17
N LEU A 174 7.16 9.01 0.86
CA LEU A 174 6.92 8.63 -0.51
C LEU A 174 6.09 9.72 -1.15
N LEU A 175 5.07 10.21 -0.46
CA LEU A 175 4.24 11.27 -1.00
C LEU A 175 4.98 12.62 -1.22
N SER A 176 5.92 12.96 -0.33
CA SER A 176 6.83 14.13 -0.51
C SER A 176 7.71 13.97 -1.72
N LYS A 177 8.32 12.80 -1.85
CA LYS A 177 9.14 12.54 -3.01
C LYS A 177 8.36 12.71 -4.33
N ILE A 178 7.11 12.25 -4.35
CA ILE A 178 6.25 12.40 -5.53
C ILE A 178 6.01 13.88 -5.79
N GLU A 179 5.59 14.62 -4.79
CA GLU A 179 5.43 16.07 -4.90
C GLU A 179 6.68 16.80 -5.40
N ALA A 180 7.84 16.41 -4.89
CA ALA A 180 9.09 17.03 -5.30
C ALA A 180 9.42 16.68 -6.78
N GLU A 181 9.28 15.41 -7.15
CA GLU A 181 9.72 14.94 -8.46
C GLU A 181 8.70 14.94 -9.64
N ASP A 182 7.44 15.26 -9.39
CA ASP A 182 6.40 15.17 -10.42
C ASP A 182 6.30 16.51 -11.22
N THR A 183 7.34 16.79 -11.99
CA THR A 183 7.45 18.05 -12.73
C THR A 183 6.36 18.13 -13.79
N ASN A 184 6.11 16.98 -14.40
CA ASN A 184 5.15 16.88 -15.50
C ASN A 184 3.71 16.58 -15.04
N ASN A 185 3.44 16.62 -13.73
CA ASN A 185 2.07 16.55 -13.23
C ASN A 185 1.35 15.22 -13.59
N LEU A 186 2.09 14.12 -13.51
CA LEU A 186 1.50 12.79 -13.60
C LEU A 186 0.45 12.48 -12.49
N PHE A 187 0.70 12.96 -11.28
CA PHE A 187 -0.06 12.60 -10.08
C PHE A 187 -0.94 13.72 -9.60
N ASP A 188 -2.14 13.40 -9.17
CA ASP A 188 -3.04 14.26 -8.47
C ASP A 188 -3.27 13.55 -7.11
N LEU A 189 -2.58 14.00 -6.07
CA LEU A 189 -2.66 13.40 -4.73
C LEU A 189 -3.68 14.06 -3.85
N ASN A 190 -4.51 13.27 -3.18
CA ASN A 190 -5.60 13.75 -2.36
C ASN A 190 -5.69 12.93 -1.05
N LEU A 191 -5.53 13.60 0.08
CA LEU A 191 -5.57 12.97 1.39
C LEU A 191 -6.79 13.48 2.16
N TYR A 192 -7.55 12.57 2.76
CA TYR A 192 -8.78 12.90 3.46
C TYR A 192 -8.72 12.35 4.89
N LEU A 193 -8.87 13.26 5.86
CA LEU A 193 -9.05 12.90 7.26
C LEU A 193 -10.55 12.79 7.53
N THR A 194 -11.07 11.58 7.70
CA THR A 194 -12.51 11.33 7.82
C THR A 194 -13.06 11.36 9.26
N LEU A 222 1.08 22.64 4.84
CA LEU A 222 -0.08 21.76 4.75
C LEU A 222 -0.37 21.05 6.05
N ILE A 223 -1.47 20.28 6.03
CA ILE A 223 -1.87 19.50 7.21
C ILE A 223 -0.99 18.28 7.48
N THR A 224 -0.43 17.70 6.41
CA THR A 224 0.54 16.59 6.47
C THR A 224 2.02 17.04 6.44
N GLY A 225 2.25 18.36 6.40
CA GLY A 225 3.56 18.92 6.06
C GLY A 225 3.91 18.80 4.58
N LEU A 226 2.96 18.36 3.75
CA LEU A 226 3.15 18.25 2.29
C LEU A 226 2.65 19.53 1.62
N LYS A 227 3.03 19.75 0.36
CA LYS A 227 2.40 20.80 -0.43
C LYS A 227 0.87 20.58 -0.50
N SER A 228 0.47 19.33 -0.63
CA SER A 228 -0.94 18.93 -0.74
C SER A 228 -1.68 19.14 0.61
N ARG A 229 -2.81 19.82 0.56
CA ARG A 229 -3.60 20.15 1.76
C ARG A 229 -4.43 18.94 2.17
N THR A 230 -4.32 18.49 3.42
CA THR A 230 -5.23 17.49 3.92
C THR A 230 -6.68 18.01 3.93
N LYS A 231 -7.57 17.33 3.23
CA LYS A 231 -8.99 17.68 3.23
C LYS A 231 -9.67 16.97 4.37
N THR A 232 -10.90 17.36 4.67
CA THR A 232 -11.62 16.81 5.81
C THR A 232 -13.00 16.29 5.41
N GLY A 233 -13.46 15.30 6.16
CA GLY A 233 -14.75 14.67 5.90
C GLY A 233 -14.64 13.60 4.84
N ARG A 234 -15.78 13.02 4.54
CA ARG A 234 -15.94 12.07 3.47
C ARG A 234 -15.84 12.83 2.11
N PRO A 235 -15.02 12.32 1.16
CA PRO A 235 -14.97 12.97 -0.14
C PRO A 235 -16.32 12.99 -0.86
N ASP A 236 -16.54 13.99 -1.74
CA ASP A 236 -17.75 14.04 -2.54
C ASP A 236 -17.45 13.29 -3.84
N TRP A 237 -17.72 11.99 -3.79
CA TRP A 237 -17.31 11.09 -4.86
C TRP A 237 -18.05 11.39 -6.13
N GLU A 238 -19.30 11.75 -6.04
CA GLU A 238 -20.06 12.18 -7.23
C GLU A 238 -19.36 13.37 -7.94
N GLU A 239 -18.93 14.36 -7.18
CA GLU A 239 -18.29 15.51 -7.77
C GLU A 239 -16.91 15.14 -8.32
N ILE A 240 -16.18 14.29 -7.59
CA ILE A 240 -14.84 13.83 -8.06
C ILE A 240 -14.92 13.06 -9.39
N PHE A 241 -15.85 12.12 -9.46
CA PHE A 241 -15.98 11.32 -10.66
C PHE A 241 -16.42 12.15 -11.86
N LYS A 242 -17.35 13.07 -11.61
CA LYS A 242 -17.82 14.03 -12.62
C LYS A 242 -16.68 14.83 -13.20
N ASP A 243 -15.82 15.34 -12.34
CA ASP A 243 -14.69 16.12 -12.78
C ASP A 243 -13.69 15.29 -13.58
N VAL A 244 -13.36 14.11 -13.06
CA VAL A 244 -12.40 13.23 -13.72
C VAL A 244 -12.95 12.77 -15.08
N ALA A 245 -14.26 12.51 -15.15
CA ALA A 245 -14.85 12.10 -16.44
C ALA A 245 -14.68 13.19 -17.50
N LYS A 246 -14.88 14.45 -17.09
CA LYS A 246 -14.67 15.62 -17.94
C LYS A 246 -13.24 15.76 -18.37
N GLN A 247 -12.30 15.57 -17.45
CA GLN A 247 -10.89 15.64 -17.87
C GLN A 247 -10.52 14.68 -18.97
N HIS A 248 -11.04 13.45 -18.93
CA HIS A 248 -10.51 12.42 -19.82
C HIS A 248 -11.41 11.97 -20.95
N ALA A 249 -12.69 12.36 -20.92
CA ALA A 249 -13.58 11.99 -22.04
C ALA A 249 -12.96 12.31 -23.41
N PRO A 250 -13.13 11.45 -24.41
CA PRO A 250 -13.99 10.29 -24.40
C PRO A 250 -13.24 9.00 -24.07
N ASP A 251 -12.03 9.08 -23.55
CA ASP A 251 -11.26 7.88 -23.21
C ASP A 251 -11.71 7.10 -21.97
N ASN A 252 -11.26 5.86 -21.90
CA ASN A 252 -11.46 5.01 -20.72
C ASN A 252 -10.65 5.52 -19.49
N VAL A 253 -11.33 5.56 -18.33
CA VAL A 253 -10.73 5.70 -17.03
C VAL A 253 -10.89 4.39 -16.22
N GLU A 254 -9.81 3.92 -15.61
CA GLU A 254 -9.84 2.72 -14.77
C GLU A 254 -9.83 3.08 -13.28
N VAL A 255 -10.79 2.55 -12.54
CA VAL A 255 -10.85 2.73 -11.09
C VAL A 255 -10.31 1.47 -10.38
N PHE A 256 -9.39 1.69 -9.44
CA PHE A 256 -8.81 0.65 -8.59
C PHE A 256 -9.06 1.07 -7.15
N PHE A 257 -9.44 0.11 -6.32
CA PHE A 257 -9.95 0.39 -4.98
C PHE A 257 -9.47 -0.64 -3.98
N CYS A 258 -9.23 -0.20 -2.76
CA CYS A 258 -8.88 -1.07 -1.66
C CYS A 258 -9.45 -0.40 -0.38
N GLY A 259 -10.66 -0.79 -0.02
CA GLY A 259 -11.36 -0.23 1.11
C GLY A 259 -12.66 -0.96 1.46
N PRO A 260 -13.48 -0.34 2.30
CA PRO A 260 -14.71 -0.94 2.83
C PRO A 260 -15.83 -1.03 1.82
N THR A 261 -16.75 -1.94 2.10
CA THR A 261 -17.82 -2.28 1.19
C THR A 261 -18.83 -1.17 0.95
N GLY A 262 -19.18 -0.40 1.97
CA GLY A 262 -20.11 0.72 1.81
C GLY A 262 -19.56 1.71 0.78
N LEU A 263 -18.29 2.01 0.86
CA LEU A 263 -17.63 2.79 -0.18
C LEU A 263 -17.61 2.10 -1.54
N ALA A 264 -17.22 0.83 -1.60
CA ALA A 264 -17.27 0.07 -2.86
C ALA A 264 -18.62 0.18 -3.60
N LEU A 265 -19.70 0.06 -2.88
CA LEU A 265 -21.03 0.17 -3.48
C LEU A 265 -21.23 1.53 -4.17
N GLN A 266 -20.82 2.59 -3.48
CA GLN A 266 -20.91 3.92 -4.03
C GLN A 266 -20.05 4.04 -5.32
N LEU A 267 -18.81 3.58 -5.22
CA LEU A 267 -17.89 3.67 -6.34
C LEU A 267 -18.35 2.84 -7.52
N ARG A 268 -18.94 1.68 -7.25
CA ARG A 268 -19.42 0.83 -8.30
C ARG A 268 -20.55 1.54 -9.05
N HIS A 269 -21.49 2.10 -8.32
CA HIS A 269 -22.58 2.86 -8.94
C HIS A 269 -22.02 4.01 -9.82
N LEU A 270 -21.06 4.75 -9.29
CA LEU A 270 -20.45 5.85 -10.04
C LEU A 270 -19.67 5.40 -11.27
N CYS A 271 -18.99 4.26 -11.20
CA CYS A 271 -18.32 3.72 -12.41
C CYS A 271 -19.30 3.39 -13.55
N THR A 272 -20.47 2.88 -13.18
CA THR A 272 -21.50 2.65 -14.18
C THR A 272 -22.04 3.96 -14.74
N LYS A 273 -22.26 4.93 -13.88
CA LYS A 273 -22.80 6.21 -14.30
C LYS A 273 -21.88 6.93 -15.30
N TYR A 274 -20.57 6.92 -15.03
CA TYR A 274 -19.62 7.62 -15.87
C TYR A 274 -18.86 6.77 -16.85
N GLY A 275 -19.15 5.47 -16.91
CA GLY A 275 -18.45 4.58 -17.84
C GLY A 275 -16.98 4.32 -17.47
N PHE A 276 -16.69 4.16 -16.19
CA PHE A 276 -15.32 3.83 -15.74
C PHE A 276 -15.17 2.31 -15.51
N GLY A 277 -13.99 1.80 -15.80
CA GLY A 277 -13.65 0.42 -15.51
C GLY A 277 -13.69 0.16 -14.02
N TYR A 278 -14.35 -0.93 -13.64
CA TYR A 278 -14.50 -1.37 -12.26
C TYR A 278 -14.27 -2.88 -12.16
N ARG A 279 -13.56 -3.28 -11.10
CA ARG A 279 -13.39 -4.69 -10.72
C ARG A 279 -14.10 -4.93 -9.42
N LYS A 280 -14.96 -5.93 -9.43
CA LYS A 280 -15.68 -6.26 -8.23
C LYS A 280 -14.79 -7.06 -7.29
N GLU A 281 -14.39 -6.44 -6.21
CA GLU A 281 -13.48 -7.01 -5.21
C GLU A 281 -13.96 -6.58 -3.83
N ASN A 282 -13.62 -7.36 -2.81
CA ASN A 282 -13.99 -7.05 -1.44
C ASN A 282 -12.77 -7.15 -0.57
N PHE A 283 -12.74 -6.34 0.51
CA PHE A 283 -11.59 -6.27 1.40
C PHE A 283 -12.08 -6.31 2.84
N PRO A 284 -12.37 -7.53 3.34
CA PRO A 284 -12.99 -7.70 4.67
C PRO A 284 -12.20 -7.15 5.86
N TRP A 285 -10.89 -7.11 5.75
CA TRP A 285 -10.07 -6.49 6.77
C TRP A 285 -10.16 -4.98 6.82
N LEU A 286 -10.86 -4.34 5.88
CA LEU A 286 -11.01 -2.89 5.90
C LEU A 286 -12.41 -2.44 6.24
N GLU A 287 -13.26 -3.35 6.72
CA GLU A 287 -14.67 -2.99 7.00
C GLU A 287 -14.76 -2.10 8.23
N LEU A 288 -15.83 -1.32 8.30
CA LEU A 288 -15.99 -0.30 9.33
C LEU A 288 -16.43 -0.96 10.65
PA FAD B . -7.93 -11.64 13.64
O1A FAD B . -8.36 -12.47 12.58
O2A FAD B . -7.94 -12.17 14.98
O5B FAD B . -8.88 -10.44 13.65
C5B FAD B . -9.51 -10.11 12.46
C4B FAD B . -10.60 -9.09 12.69
O4B FAD B . -11.83 -9.75 12.93
C3B FAD B . -10.36 -8.26 13.89
O3B FAD B . -10.99 -7.04 13.63
C2B FAD B . -11.14 -8.97 14.94
O2B FAD B . -11.58 -8.12 15.97
C1B FAD B . -12.31 -9.50 14.20
N9A FAD B . -12.55 -10.77 14.87
C8A FAD B . -11.61 -11.64 15.20
N7A FAD B . -12.10 -12.71 15.81
C5A FAD B . -13.40 -12.52 15.89
C6A FAD B . -14.52 -13.29 16.43
N6A FAD B . -14.34 -14.47 17.03
N1A FAD B . -15.73 -12.75 16.31
C2A FAD B . -15.93 -11.57 15.72
N3A FAD B . -14.95 -10.82 15.20
C4A FAD B . -13.70 -11.25 15.27
N1 FAD B . -3.36 -6.37 6.51
C2 FAD B . -2.49 -5.39 6.70
O2 FAD B . -2.37 -4.94 7.80
N3 FAD B . -1.74 -4.91 5.75
C4 FAD B . -1.81 -5.34 4.54
O4 FAD B . -1.09 -4.85 3.71
C4X FAD B . -2.77 -6.42 4.24
N5 FAD B . -2.90 -6.91 3.02
C5X FAD B . -3.76 -7.89 2.78
C6 FAD B . -3.84 -8.37 1.52
C7 FAD B . -4.71 -9.37 1.20
C7M FAD B . -4.79 -9.88 -0.21
C8 FAD B . -5.56 -9.93 2.25
C8M FAD B . -6.50 -11.04 1.91
C9 FAD B . -5.47 -9.45 3.53
C9A FAD B . -4.61 -8.45 3.87
N10 FAD B . -4.52 -7.94 5.18
C10 FAD B . -3.57 -6.94 5.34
C1' FAD B . -5.27 -8.45 6.33
C2' FAD B . -4.41 -9.51 7.08
O2' FAD B . -4.20 -10.60 6.25
C3' FAD B . -4.64 -10.14 8.51
O3' FAD B . -4.84 -11.56 8.64
C4' FAD B . -5.74 -9.68 9.34
O4' FAD B . -5.79 -8.33 8.98
C5' FAD B . -5.38 -9.98 10.81
O5' FAD B . -5.24 -11.31 11.35
P FAD B . -5.20 -11.53 12.93
O1P FAD B . -5.11 -12.87 13.35
O2P FAD B . -4.32 -10.63 13.55
O3P FAD B . -6.56 -10.95 13.38
CL CL C . -9.56 -0.22 14.13
CL CL D . -4.34 -5.87 19.02
CL CL E . 15.67 -6.58 -8.74
CL CL F . -19.90 -5.94 5.16
CL CL G . -15.95 -11.36 12.41
CL CL H . -12.52 6.64 -27.60
CL CL I . -2.45 -16.84 16.98
C5 P6G J . -10.44 -2.70 -18.92
C6 P6G J . -9.87 -2.90 -20.33
O7 P6G J . -10.85 -3.46 -21.22
C8 P6G J . -10.40 -4.57 -22.03
C9 P6G J . -11.48 -5.03 -23.00
O10 P6G J . -12.10 -3.89 -23.60
C11 P6G J . -13.42 -4.03 -24.13
C12 P6G J . -14.22 -2.73 -23.93
O13 P6G J . -15.60 -3.03 -23.76
O4 P6G K . -5.63 -2.43 -20.47
C5 P6G K . -6.39 -1.42 -19.78
C6 P6G K . -6.54 -1.71 -18.29
O7 P6G K . -6.97 -3.07 -18.08
C8 P6G K . -7.68 -3.30 -16.87
C9 P6G K . -8.07 -4.77 -16.78
O10 P6G K . -8.56 -5.07 -15.46
C11 P6G K . -9.15 -6.39 -15.45
C12 P6G K . -9.24 -7.02 -14.08
O10 P6G L . -9.53 -10.23 8.55
C11 P6G L . -10.73 -10.02 7.85
C12 P6G L . -11.90 -10.22 8.77
O13 P6G L . -11.70 -11.50 9.37
C14 P6G L . -12.75 -11.83 10.28
C15 P6G L . -12.28 -13.06 11.02
O16 P6G L . -12.23 -14.09 10.04
C17 P6G L . -12.03 -15.38 10.59
C18 P6G L . -11.21 -16.19 9.59
O19 P6G L . -10.37 -17.05 10.36
O7 P6G M . -12.57 6.33 6.10
C8 P6G M . -11.54 5.50 6.61
C9 P6G M . -12.08 4.07 6.69
O10 P6G M . -11.10 3.25 7.35
C11 P6G M . -10.75 2.03 6.67
C12 P6G M . -10.35 0.95 7.66
O13 P6G M . -9.25 1.40 8.47
C14 P6G M . -9.62 1.69 9.82
C15 P6G M . -8.40 2.05 10.67
O16 P6G M . -7.82 3.28 10.24
C17 P6G M . -6.50 3.46 10.78
C18 P6G M . -5.83 4.76 10.33
O19 P6G M . -6.76 5.75 9.88
O7 P6G N . -15.46 18.46 -20.85
C8 P6G N . -15.23 17.24 -21.57
C9 P6G N . -16.50 16.72 -22.23
O10 P6G N . -17.27 16.00 -21.25
C11 P6G N . -18.25 15.11 -21.80
C12 P6G N . -18.42 13.89 -20.90
O13 P6G N . -18.25 14.26 -19.52
C14 P6G N . -19.01 13.47 -18.60
C15 P6G N . -19.25 14.24 -17.30
O16 P6G N . -20.49 14.98 -17.40
C17 P6G N . -21.09 15.35 -16.17
C18 P6G N . -22.31 14.48 -15.82
O19 P6G N . -22.67 14.49 -14.43
C1 PEG O . -20.33 4.25 -23.32
O1 PEG O . -19.52 3.84 -24.41
C2 PEG O . -19.64 5.39 -22.57
O2 PEG O . -20.32 5.56 -21.32
C3 PEG O . -20.69 6.91 -20.97
C4 PEG O . -21.57 6.88 -19.72
O4 PEG O . -22.26 5.63 -19.56
C1 PEG P . 12.72 7.37 -8.58
O1 PEG P . 13.49 8.32 -7.85
C2 PEG P . 12.50 6.06 -7.81
O2 PEG P . 12.12 6.25 -6.43
C3 PEG P . 11.14 5.32 -5.93
C4 PEG P . 11.38 4.95 -4.47
O4 PEG P . 11.15 6.04 -3.58
C1 PEG Q . 8.47 3.81 1.98
O1 PEG Q . 7.63 3.73 0.82
C2 PEG Q . 8.58 5.28 2.29
O2 PEG Q . 7.30 5.71 2.75
C3 PEG Q . 7.37 6.97 3.42
C4 PEG Q . 7.68 6.94 4.92
O4 PEG Q . 6.81 7.85 5.64
C1 PEG R . 4.46 -18.86 -7.51
O1 PEG R . 4.38 -18.08 -8.70
C2 PEG R . 3.19 -18.61 -6.75
O2 PEG R . 3.13 -19.43 -5.58
C3 PEG R . 1.77 -19.72 -5.20
C4 PEG R . 1.29 -21.01 -5.89
O4 PEG R . -0.06 -21.38 -5.53
C1 PEG S . 1.91 16.99 -8.11
O1 PEG S . 1.70 15.72 -7.50
C2 PEG S . 0.88 17.38 -9.16
O2 PEG S . -0.49 17.37 -8.69
C3 PEG S . -1.38 18.45 -9.04
C4 PEG S . -2.82 17.95 -9.33
O4 PEG S . -3.01 17.42 -10.65
C1 PEG T . -0.20 -5.12 20.75
O1 PEG T . -1.52 -5.32 21.24
C2 PEG T . -0.28 -4.22 19.53
O2 PEG T . -0.69 -2.89 19.89
C3 PEG T . 0.22 -1.84 19.54
C4 PEG T . -0.56 -0.53 19.44
O4 PEG T . -0.28 0.42 20.49
C1 PEG U . -7.41 1.96 -20.77
O1 PEG U . -8.19 1.07 -19.94
C2 PEG U . -7.14 1.45 -22.19
O2 PEG U . -7.77 2.33 -23.14
C3 PEG U . -7.04 3.52 -23.46
C4 PEG U . -7.87 4.42 -24.38
O4 PEG U . -9.00 4.95 -23.69
C1 PEG V . 7.33 -10.77 -12.11
O1 PEG V . 8.56 -10.84 -12.82
C2 PEG V . 6.58 -12.11 -12.22
O2 PEG V . 5.79 -12.32 -11.04
C3 PEG V . 4.35 -12.49 -11.22
C4 PEG V . 3.59 -11.76 -10.12
O4 PEG V . 2.21 -12.09 -10.01
C1 GOL W . -15.77 6.76 -20.38
O1 GOL W . -16.46 5.64 -20.95
C2 GOL W . -15.51 7.79 -21.48
O2 GOL W . -14.46 8.68 -21.08
C3 GOL W . -16.78 8.57 -21.80
O3 GOL W . -16.93 8.83 -23.21
C1 GOL X . -0.01 5.92 17.70
O1 GOL X . -1.36 6.23 17.35
C2 GOL X . 0.09 4.73 18.66
O2 GOL X . -0.95 3.77 18.54
C3 GOL X . 1.32 3.93 18.38
O3 GOL X . 0.78 2.86 17.63
C1 GOL Y . 10.82 -1.27 8.14
O1 GOL Y . 12.24 -1.12 8.11
C2 GOL Y . 10.21 -0.05 7.48
O2 GOL Y . 11.19 0.98 7.38
C3 GOL Y . 9.72 -0.38 6.09
O3 GOL Y . 9.28 0.81 5.43
C1 GOL Z . 15.47 -8.71 13.52
O1 GOL Z . 16.86 -9.00 13.73
C2 GOL Z . 15.21 -7.24 13.85
O2 GOL Z . 15.67 -6.49 12.73
C3 GOL Z . 13.73 -7.01 14.15
O3 GOL Z . 13.39 -7.36 15.51
C1 GOL AA . -22.11 10.29 -18.45
O1 GOL AA . -20.81 10.89 -18.56
C2 GOL AA . -22.88 11.12 -17.44
O2 GOL AA . -23.14 12.39 -18.05
C3 GOL AA . -24.20 10.50 -17.03
O3 GOL AA . -24.90 11.44 -16.17
C1 GOL BA . -12.82 16.94 -7.93
O1 GOL BA . -11.63 17.06 -8.73
C2 GOL BA . -13.05 18.04 -6.90
O2 GOL BA . -13.63 19.18 -7.54
C3 GOL BA . -13.99 17.53 -5.81
O3 GOL BA . -14.60 18.53 -4.98
C1 PEG CA . 7.07 15.88 5.15
O1 PEG CA . 8.09 14.96 5.48
C2 PEG CA . 6.67 16.59 6.42
O2 PEG CA . 5.74 15.85 7.22
C3 PEG CA . 5.86 16.05 8.64
C4 PEG CA . 4.51 15.93 9.37
O4 PEG CA . 4.45 14.73 10.15
#